data_7LW6
#
_entry.id   7LW6
#
_cell.length_a   89.515
_cell.length_b   89.515
_cell.length_c   133.802
_cell.angle_alpha   90.000
_cell.angle_beta   90.000
_cell.angle_gamma   90.000
#
_symmetry.space_group_name_H-M   'I 4 2 2'
#
loop_
_entity.id
_entity.type
_entity.pdbx_description
1 polymer 'Polymerase acidic protein'
2 non-polymer 'N-(4-fluorobenzyl)-5-hydroxy-1-methyl-2-(1-methyl-1-{[(5-methyl-1,3,4-oxadiazol-2-yl)carbonyl]amino}ethyl)-6-oxo-1,6-di hydropyrimidine-4-carboxamide'
3 non-polymer 'Hexa Vinylpyrrolidone K15'
4 non-polymer 'MANGANESE (II) ION'
5 non-polymer 'SULFATE ION'
6 water water
#
_entity_poly.entity_id   1
_entity_poly.type   'polypeptide(L)'
_entity_poly.pdbx_seq_one_letter_code
;MGSSHHHHHHSSGLVPRGSHMEDFVRQCFNPMIVELAEKAMKEYGEDPKIETNKFAATCTHLEVCFMYSDGGSKHRFEII
EGRDRIMAWTVVNSICNTTGVEKPKFLPDLYDYKENRFIEIGVTRREVHIYYLEKANKIKSEKTHIHIFSFTGEEMATKA
DYTLDEESRARIKTRLFTIRQEMASRSLWDSFRQSER
;
_entity_poly.pdbx_strand_id   A
#
loop_
_chem_comp.id
_chem_comp.type
_chem_comp.name
_chem_comp.formula
MN non-polymer 'MANGANESE (II) ION' 'Mn 2'
QQ4 non-polymer 'Hexa Vinylpyrrolidone K15' 'C36 H56 N6 O6'
RLT non-polymer 'N-(4-fluorobenzyl)-5-hydroxy-1-methyl-2-(1-methyl-1-{[(5-methyl-1,3,4-oxadiazol-2-yl)carbonyl]amino}ethyl)-6-oxo-1,6-di hydropyrimidine-4-carboxamide' 'C20 H21 F N6 O5'
SO4 non-polymer 'SULFATE ION' 'O4 S -2'
#
# COMPACT_ATOMS: atom_id res chain seq x y z
N PRO A 16 -27.20 -8.64 -5.92
CA PRO A 16 -26.37 -7.59 -5.34
C PRO A 16 -26.19 -6.40 -6.29
N ARG A 17 -25.14 -5.62 -6.07
CA ARG A 17 -24.82 -4.48 -6.94
C ARG A 17 -23.80 -4.95 -7.97
N GLY A 18 -24.30 -5.41 -9.11
CA GLY A 18 -23.43 -5.88 -10.17
C GLY A 18 -22.62 -4.78 -10.82
N SER A 19 -21.57 -4.33 -10.12
CA SER A 19 -20.74 -3.24 -10.60
C SER A 19 -19.64 -3.77 -11.50
N HIS A 20 -19.36 -3.03 -12.58
CA HIS A 20 -18.27 -3.39 -13.47
C HIS A 20 -16.92 -3.33 -12.74
N MET A 21 -16.80 -2.44 -11.76
CA MET A 21 -15.53 -2.29 -11.05
C MET A 21 -15.20 -3.53 -10.23
N GLU A 22 -16.23 -4.13 -9.62
CA GLU A 22 -16.00 -5.32 -8.81
C GLU A 22 -15.51 -6.48 -9.67
N ASP A 23 -16.09 -6.66 -10.85
CA ASP A 23 -15.66 -7.75 -11.72
C ASP A 23 -14.28 -7.49 -12.31
N PHE A 24 -13.92 -6.22 -12.53
CA PHE A 24 -12.58 -5.91 -13.00
C PHE A 24 -11.53 -6.19 -11.93
N VAL A 25 -11.84 -5.82 -10.68
CA VAL A 25 -10.91 -6.05 -9.58
C VAL A 25 -10.59 -7.54 -9.44
N ARG A 26 -11.61 -8.39 -9.61
CA ARG A 26 -11.43 -9.82 -9.43
C ARG A 26 -10.63 -10.45 -10.56
N GLN A 27 -10.58 -9.81 -11.74
CA GLN A 27 -9.76 -10.30 -12.85
C GLN A 27 -8.42 -9.60 -12.95
N CYS A 28 -8.27 -8.44 -12.32
CA CYS A 28 -7.02 -7.69 -12.41
C CYS A 28 -6.00 -8.11 -11.38
N PHE A 29 -6.44 -8.51 -10.18
CA PHE A 29 -5.57 -8.91 -9.09
C PHE A 29 -5.72 -10.41 -8.83
N ASN A 30 -4.65 -11.02 -8.36
CA ASN A 30 -4.66 -12.45 -8.10
C ASN A 30 -5.56 -12.77 -6.91
N PRO A 31 -6.09 -14.00 -6.84
CA PRO A 31 -7.11 -14.29 -5.81
C PRO A 31 -6.64 -14.11 -4.38
N MET A 32 -5.35 -14.31 -4.09
CA MET A 32 -4.87 -14.12 -2.73
C MET A 32 -4.94 -12.67 -2.31
N ILE A 33 -4.67 -11.74 -3.24
CA ILE A 33 -4.77 -10.32 -2.92
C ILE A 33 -6.23 -9.92 -2.72
N VAL A 34 -7.11 -10.40 -3.60
CA VAL A 34 -8.53 -10.06 -3.49
C VAL A 34 -9.10 -10.55 -2.16
N GLU A 35 -8.67 -11.73 -1.71
CA GLU A 35 -9.18 -12.28 -0.46
C GLU A 35 -8.73 -11.45 0.75
N LEU A 36 -7.47 -11.00 0.74
CA LEU A 36 -6.98 -10.19 1.85
C LEU A 36 -7.66 -8.83 1.89
N ALA A 37 -7.92 -8.24 0.72
CA ALA A 37 -8.59 -6.95 0.69
C ALA A 37 -10.02 -7.06 1.19
N GLU A 38 -10.69 -8.18 0.87
CA GLU A 38 -12.04 -8.41 1.36
C GLU A 38 -12.05 -8.53 2.88
N LYS A 39 -11.08 -9.25 3.44
CA LYS A 39 -11.01 -9.41 4.88
C LYS A 39 -10.71 -8.08 5.58
N ALA A 40 -9.88 -7.24 4.95
CA ALA A 40 -9.54 -5.96 5.56
C ALA A 40 -10.71 -4.99 5.53
N MET A 41 -11.49 -5.01 4.44
CA MET A 41 -12.63 -4.11 4.35
C MET A 41 -13.75 -4.52 5.30
N LYS A 42 -13.99 -5.83 5.43
CA LYS A 42 -15.02 -6.29 6.35
C LYS A 42 -14.59 -6.08 7.80
N GLU A 43 -13.30 -6.18 8.09
CA GLU A 43 -12.82 -5.91 9.44
C GLU A 43 -13.05 -4.46 9.83
N TYR A 44 -13.14 -3.57 8.84
CA TYR A 44 -13.45 -2.16 9.08
C TYR A 44 -14.92 -1.85 8.84
N GLY A 45 -15.75 -2.87 8.59
CA GLY A 45 -17.17 -2.66 8.42
C GLY A 45 -17.54 -1.97 7.13
N GLU A 46 -16.94 -2.41 6.02
CA GLU A 46 -17.23 -1.85 4.70
C GLU A 46 -17.42 -2.99 3.71
N ASP A 47 -18.20 -2.72 2.66
CA ASP A 47 -18.60 -3.75 1.70
C ASP A 47 -17.81 -3.58 0.41
N PRO A 48 -17.10 -4.63 -0.03
CA PRO A 48 -16.43 -4.54 -1.34
C PRO A 48 -17.39 -4.46 -2.52
N LYS A 49 -18.65 -4.90 -2.34
CA LYS A 49 -19.61 -4.86 -3.44
C LYS A 49 -20.21 -3.48 -3.65
N ILE A 50 -20.25 -2.65 -2.60
CA ILE A 50 -20.86 -1.33 -2.71
C ILE A 50 -19.80 -0.26 -2.91
N GLU A 51 -18.84 -0.17 -1.99
CA GLU A 51 -17.72 0.77 -2.13
C GLU A 51 -16.63 0.09 -2.95
N THR A 52 -16.85 0.08 -4.27
CA THR A 52 -15.96 -0.65 -5.18
C THR A 52 -14.65 0.09 -5.42
N ASN A 53 -14.64 1.42 -5.28
CA ASN A 53 -13.41 2.16 -5.49
C ASN A 53 -12.39 1.85 -4.40
N LYS A 54 -12.83 1.80 -3.14
CA LYS A 54 -11.91 1.42 -2.07
C LYS A 54 -11.53 -0.06 -2.17
N PHE A 55 -12.39 -0.87 -2.79
CA PHE A 55 -12.01 -2.26 -3.07
C PHE A 55 -10.82 -2.32 -4.02
N ALA A 56 -10.86 -1.51 -5.08
CA ALA A 56 -9.75 -1.48 -6.03
C ALA A 56 -8.50 -0.90 -5.38
N ALA A 57 -8.66 0.16 -4.58
CA ALA A 57 -7.51 0.78 -3.95
C ALA A 57 -6.87 -0.14 -2.91
N THR A 58 -7.69 -0.87 -2.16
CA THR A 58 -7.15 -1.78 -1.15
C THR A 58 -6.33 -2.89 -1.79
N CYS A 59 -6.80 -3.43 -2.93
CA CYS A 59 -6.04 -4.44 -3.64
C CYS A 59 -4.74 -3.86 -4.19
N THR A 60 -4.79 -2.62 -4.68
CA THR A 60 -3.60 -1.98 -5.25
C THR A 60 -2.55 -1.74 -4.19
N HIS A 61 -2.95 -1.19 -3.04
CA HIS A 61 -2.02 -0.96 -1.95
C HIS A 61 -1.40 -2.27 -1.48
N LEU A 62 -2.18 -3.35 -1.51
CA LEU A 62 -1.67 -4.65 -1.06
C LEU A 62 -0.59 -5.18 -2.00
N GLU A 63 -0.87 -5.19 -3.31
CA GLU A 63 0.09 -5.72 -4.27
C GLU A 63 1.37 -4.89 -4.28
N VAL A 64 1.24 -3.57 -4.17
CA VAL A 64 2.41 -2.70 -4.15
C VAL A 64 3.27 -3.01 -2.94
N CYS A 65 2.65 -3.24 -1.79
CA CYS A 65 3.41 -3.56 -0.58
C CYS A 65 4.17 -4.88 -0.74
N PHE A 66 3.57 -5.86 -1.43
CA PHE A 66 4.21 -7.16 -1.58
C PHE A 66 5.28 -7.13 -2.65
N MET A 67 5.06 -6.41 -3.74
CA MET A 67 6.13 -6.18 -4.71
C MET A 67 7.31 -5.46 -4.05
N TYR A 68 7.00 -4.55 -3.12
CA TYR A 68 8.05 -3.80 -2.43
C TYR A 68 8.92 -4.71 -1.57
N SER A 69 8.28 -5.59 -0.79
CA SER A 69 9.04 -6.50 0.08
C SER A 69 9.86 -7.48 -0.73
N ASP A 70 9.44 -7.78 -1.96
CA ASP A 70 10.18 -8.69 -2.83
C ASP A 70 11.45 -8.07 -3.39
N GLY A 71 11.63 -6.76 -3.25
CA GLY A 71 12.75 -6.09 -3.91
C GLY A 71 14.07 -6.19 -3.17
N GLY A 72 14.02 -6.30 -1.85
CA GLY A 72 15.23 -6.31 -1.04
C GLY A 72 15.87 -7.68 -0.95
N SER A 73 16.74 -7.84 0.06
CA SER A 73 17.38 -9.12 0.31
C SER A 73 16.37 -10.10 0.89
N LYS A 74 16.83 -11.33 1.13
CA LYS A 74 15.92 -12.41 1.51
C LYS A 74 15.32 -12.18 2.90
N HIS A 75 16.02 -11.49 3.79
CA HIS A 75 15.58 -11.31 5.16
C HIS A 75 15.41 -9.83 5.51
N ARG A 76 15.32 -8.96 4.52
CA ARG A 76 15.38 -7.52 4.80
C ARG A 76 14.12 -7.02 5.47
N PHE A 77 12.96 -7.43 4.99
CA PHE A 77 11.69 -6.83 5.40
C PHE A 77 10.86 -7.80 6.23
N GLU A 78 10.17 -7.25 7.23
CA GLU A 78 9.08 -7.92 7.92
C GLU A 78 7.78 -7.27 7.48
N ILE A 79 6.86 -8.07 6.94
CA ILE A 79 5.65 -7.56 6.31
C ILE A 79 4.58 -7.41 7.38
N ILE A 80 4.17 -6.17 7.64
CA ILE A 80 3.09 -5.90 8.58
C ILE A 80 1.74 -5.85 7.88
N GLU A 81 1.68 -5.25 6.69
CA GLU A 81 0.44 -5.17 5.94
C GLU A 81 -0.01 -6.56 5.51
N GLY A 82 -1.33 -6.77 5.50
CA GLY A 82 -1.90 -8.04 5.11
C GLY A 82 -2.18 -8.99 6.25
N ARG A 83 -1.74 -8.67 7.46
CA ARG A 83 -1.99 -9.51 8.62
C ARG A 83 -3.29 -9.09 9.32
N ASP A 84 -3.73 -9.93 10.25
CA ASP A 84 -4.83 -9.53 11.12
C ASP A 84 -4.40 -8.37 12.00
N ARG A 85 -5.34 -7.46 12.28
CA ARG A 85 -5.00 -6.22 12.96
C ARG A 85 -4.37 -6.48 14.33
N ILE A 86 -4.88 -7.47 15.06
CA ILE A 86 -4.32 -7.79 16.36
C ILE A 86 -2.91 -8.36 16.22
N MET A 87 -2.71 -9.25 15.25
CA MET A 87 -1.39 -9.83 15.06
C MET A 87 -0.43 -8.83 14.44
N ALA A 88 -0.93 -7.93 13.58
CA ALA A 88 -0.07 -6.90 13.01
C ALA A 88 0.58 -6.05 14.09
N TRP A 89 -0.21 -5.66 15.10
CA TRP A 89 0.36 -4.90 16.22
C TRP A 89 1.24 -5.78 17.10
N THR A 90 1.02 -7.10 17.09
CA THR A 90 1.86 -7.99 17.88
C THR A 90 3.28 -8.03 17.34
N VAL A 91 3.43 -8.13 16.01
CA VAL A 91 4.76 -8.11 15.40
C VAL A 91 5.40 -6.74 15.57
N VAL A 92 4.59 -5.67 15.56
CA VAL A 92 5.14 -4.35 15.83
C VAL A 92 5.72 -4.28 17.24
N ASN A 93 5.05 -4.90 18.20
CA ASN A 93 5.57 -4.95 19.56
C ASN A 93 6.92 -5.66 19.61
N SER A 94 7.00 -6.84 18.98
CA SER A 94 8.24 -7.60 19.01
C SER A 94 9.38 -6.86 18.33
N ILE A 95 9.07 -6.14 17.24
CA ILE A 95 10.10 -5.34 16.58
C ILE A 95 10.55 -4.21 17.48
N CYS A 96 9.60 -3.50 18.08
CA CYS A 96 9.96 -2.38 18.95
C CYS A 96 10.68 -2.85 20.21
N ASN A 97 10.30 -4.03 20.71
CA ASN A 97 10.88 -4.52 21.96
C ASN A 97 12.23 -5.21 21.77
N THR A 98 12.58 -5.57 20.53
CA THR A 98 13.87 -6.21 20.28
C THR A 98 14.88 -5.27 19.63
N THR A 99 14.43 -4.21 18.97
CA THR A 99 15.32 -3.24 18.35
C THR A 99 15.30 -1.87 19.04
N GLY A 100 14.36 -1.64 19.94
CA GLY A 100 14.32 -0.38 20.68
C GLY A 100 13.75 0.80 19.91
N VAL A 101 13.29 0.60 18.68
CA VAL A 101 12.71 1.69 17.91
C VAL A 101 11.39 2.12 18.56
N GLU A 102 11.14 3.43 18.53
CA GLU A 102 9.93 3.97 19.14
C GLU A 102 8.68 3.38 18.52
N LYS A 103 7.65 3.23 19.33
CA LYS A 103 6.40 2.61 18.88
C LYS A 103 5.62 3.59 18.00
N PRO A 104 5.31 3.22 16.76
CA PRO A 104 4.52 4.13 15.92
C PRO A 104 3.08 4.22 16.39
N LYS A 105 2.45 5.35 16.10
CA LYS A 105 1.06 5.54 16.48
C LYS A 105 0.11 4.84 15.51
N PHE A 106 0.46 4.83 14.22
CA PHE A 106 -0.36 4.22 13.20
C PHE A 106 0.33 2.99 12.64
N LEU A 107 -0.47 2.05 12.16
CA LEU A 107 0.06 0.78 11.67
C LEU A 107 0.85 0.97 10.39
N PRO A 108 2.15 0.69 10.38
CA PRO A 108 2.94 0.82 9.15
C PRO A 108 2.77 -0.42 8.28
N ASP A 109 3.44 -0.41 7.12
CA ASP A 109 3.31 -1.50 6.17
C ASP A 109 4.42 -2.54 6.32
N LEU A 110 5.67 -2.11 6.39
CA LEU A 110 6.81 -2.99 6.53
C LEU A 110 7.72 -2.49 7.62
N TYR A 111 8.75 -3.29 7.93
CA TYR A 111 9.88 -2.87 8.74
C TYR A 111 11.15 -3.26 8.01
N ASP A 112 12.11 -2.34 7.93
CA ASP A 112 13.37 -2.55 7.24
C ASP A 112 14.42 -2.98 8.26
N TYR A 113 14.81 -4.25 8.21
CA TYR A 113 15.85 -4.73 9.11
C TYR A 113 17.23 -4.19 8.74
N LYS A 114 17.40 -3.73 7.51
CA LYS A 114 18.69 -3.17 7.09
C LYS A 114 18.85 -1.73 7.56
N GLU A 115 17.83 -0.90 7.35
CA GLU A 115 17.88 0.50 7.74
C GLU A 115 17.27 0.76 9.11
N ASN A 116 16.64 -0.24 9.73
CA ASN A 116 16.09 -0.15 11.08
C ASN A 116 15.06 0.98 11.20
N ARG A 117 13.96 0.78 10.48
CA ARG A 117 12.85 1.74 10.50
C ARG A 117 11.63 1.09 9.87
N PHE A 118 10.46 1.60 10.26
CA PHE A 118 9.21 1.20 9.64
C PHE A 118 8.99 1.99 8.35
N ILE A 119 8.15 1.44 7.48
CA ILE A 119 7.88 2.03 6.17
C ILE A 119 6.38 2.16 5.98
N GLU A 120 5.93 3.35 5.60
CA GLU A 120 4.55 3.59 5.23
C GLU A 120 4.48 3.76 3.72
N ILE A 121 3.80 2.83 3.04
CA ILE A 121 3.69 2.85 1.59
C ILE A 121 2.31 3.37 1.21
N GLY A 122 2.29 4.37 0.33
CA GLY A 122 1.05 4.96 -0.12
C GLY A 122 0.94 4.97 -1.64
N VAL A 123 -0.29 4.90 -2.13
CA VAL A 123 -0.59 4.95 -3.55
C VAL A 123 -1.70 5.97 -3.74
N THR A 124 -1.43 7.02 -4.49
CA THR A 124 -2.36 8.13 -4.66
C THR A 124 -2.60 8.40 -6.14
N ARG A 125 -3.79 8.92 -6.43
CA ARG A 125 -4.14 9.35 -7.78
C ARG A 125 -3.90 10.84 -8.01
N ARG A 126 -3.55 11.59 -6.97
CA ARG A 126 -3.14 12.97 -7.09
C ARG A 126 -1.61 13.03 -7.16
N GLU A 127 -1.08 14.25 -7.16
CA GLU A 127 0.37 14.41 -7.18
C GLU A 127 0.98 13.91 -5.87
N VAL A 128 2.18 13.34 -5.98
CA VAL A 128 2.75 12.58 -4.86
C VAL A 128 2.99 13.44 -3.64
N HIS A 129 3.26 14.73 -3.81
CA HIS A 129 3.53 15.57 -2.66
C HIS A 129 2.27 15.95 -1.91
N ILE A 130 1.11 15.84 -2.54
CA ILE A 130 -0.15 15.99 -1.81
C ILE A 130 -0.27 14.92 -0.74
N TYR A 131 -0.20 13.65 -1.16
CA TYR A 131 -0.47 12.53 -0.26
C TYR A 131 0.55 12.44 0.85
N TYR A 132 1.84 12.61 0.53
CA TYR A 132 2.88 12.58 1.54
C TYR A 132 2.68 13.69 2.57
N LEU A 133 2.36 14.91 2.11
CA LEU A 133 2.13 16.01 3.04
C LEU A 133 1.02 15.67 4.02
N GLU A 134 -0.03 14.98 3.57
CA GLU A 134 -1.07 14.52 4.49
C GLU A 134 -0.54 13.41 5.39
N LYS A 135 0.22 12.47 4.82
CA LYS A 135 0.73 11.35 5.61
C LYS A 135 1.74 11.82 6.66
N ALA A 136 2.53 12.86 6.36
CA ALA A 136 3.49 13.35 7.32
C ALA A 136 2.79 14.00 8.52
N ASN A 137 1.71 14.74 8.27
CA ASN A 137 0.97 15.36 9.36
C ASN A 137 0.31 14.30 10.23
N LYS A 138 -0.28 13.28 9.60
CA LYS A 138 -0.97 12.24 10.36
C LYS A 138 0.01 11.39 11.16
N ILE A 139 1.14 11.01 10.55
CA ILE A 139 2.16 10.22 11.23
C ILE A 139 2.70 11.00 12.41
N LYS A 140 3.52 12.01 12.13
CA LYS A 140 4.12 12.86 13.17
C LYS A 140 4.87 12.05 14.21
N SER A 141 5.38 10.89 13.80
CA SER A 141 6.13 10.02 14.70
C SER A 141 7.57 10.50 14.81
N GLU A 142 8.50 9.78 14.19
CA GLU A 142 9.90 10.19 14.19
C GLU A 142 10.66 9.60 13.02
N LYS A 143 10.92 8.29 13.04
CA LYS A 143 11.74 7.64 12.04
C LYS A 143 10.95 6.86 11.00
N THR A 144 9.61 6.85 11.12
CA THR A 144 8.77 6.13 10.17
C THR A 144 9.01 6.65 8.76
N HIS A 145 9.59 5.81 7.91
CA HIS A 145 9.91 6.20 6.55
C HIS A 145 8.65 6.17 5.69
N ILE A 146 8.47 7.20 4.87
CA ILE A 146 7.31 7.34 4.01
C ILE A 146 7.77 7.19 2.56
N HIS A 147 7.06 6.36 1.80
CA HIS A 147 7.35 6.16 0.38
C HIS A 147 6.02 6.13 -0.36
N ILE A 148 5.81 7.12 -1.23
CA ILE A 148 4.56 7.29 -1.95
C ILE A 148 4.77 6.95 -3.42
N PHE A 149 3.79 6.27 -4.01
CA PHE A 149 3.75 6.01 -5.44
C PHE A 149 2.49 6.63 -6.03
N SER A 150 2.59 7.15 -7.25
CA SER A 150 1.44 7.66 -7.97
C SER A 150 1.08 6.74 -9.12
N PHE A 151 -0.14 6.89 -9.62
CA PHE A 151 -0.58 6.18 -10.80
C PHE A 151 -0.03 6.77 -12.09
N THR A 152 0.72 7.88 -11.99
CA THR A 152 1.29 8.53 -13.16
C THR A 152 2.75 8.14 -13.40
N GLY A 153 3.37 7.41 -12.48
CA GLY A 153 4.77 7.04 -12.60
C GLY A 153 5.71 7.76 -11.67
N GLU A 154 5.22 8.62 -10.80
CA GLU A 154 6.06 9.37 -9.89
C GLU A 154 6.16 8.66 -8.53
N GLU A 155 7.21 9.00 -7.79
CA GLU A 155 7.40 8.48 -6.44
C GLU A 155 8.03 9.57 -5.58
N MET A 156 7.93 9.38 -4.27
CA MET A 156 8.44 10.39 -3.35
C MET A 156 8.67 9.73 -1.99
N ALA A 157 9.90 9.76 -1.51
CA ALA A 157 10.27 9.09 -0.27
C ALA A 157 10.97 10.07 0.67
N THR A 158 10.91 9.75 1.97
CA THR A 158 11.53 10.60 2.98
C THR A 158 13.03 10.69 2.77
N LYS A 159 13.57 11.90 2.97
CA LYS A 159 15.00 12.17 2.87
C LYS A 159 15.57 11.82 1.51
N ALA A 160 14.72 11.69 0.48
CA ALA A 160 15.09 11.21 -0.84
C ALA A 160 15.75 9.84 -0.78
N ASP A 161 15.49 9.08 0.28
CA ASP A 161 15.99 7.72 0.44
C ASP A 161 14.89 6.78 -0.02
N TYR A 162 15.09 6.16 -1.18
CA TYR A 162 14.07 5.32 -1.80
C TYR A 162 14.26 3.84 -1.49
N THR A 163 15.11 3.51 -0.52
CA THR A 163 15.23 2.16 0.02
C THR A 163 15.70 1.15 -1.01
N LEU A 164 14.86 0.85 -1.99
CA LEU A 164 15.21 -0.14 -3.00
C LEU A 164 15.89 0.52 -4.19
N ASP A 165 16.57 -0.30 -5.00
CA ASP A 165 17.21 0.20 -6.19
C ASP A 165 16.17 0.55 -7.25
N GLU A 166 16.66 1.11 -8.37
CA GLU A 166 15.76 1.68 -9.36
C GLU A 166 14.88 0.62 -10.03
N GLU A 167 15.43 -0.57 -10.25
CA GLU A 167 14.70 -1.60 -10.99
C GLU A 167 13.45 -2.04 -10.24
N SER A 168 13.57 -2.26 -8.93
CA SER A 168 12.44 -2.73 -8.14
C SER A 168 11.34 -1.69 -8.07
N ARG A 169 11.71 -0.41 -7.92
CA ARG A 169 10.70 0.64 -7.91
C ARG A 169 10.11 0.87 -9.29
N ALA A 170 10.88 0.62 -10.35
CA ALA A 170 10.39 0.88 -11.70
C ALA A 170 9.26 -0.08 -12.08
N ARG A 171 9.42 -1.37 -11.77
CA ARG A 171 8.37 -2.33 -12.12
C ARG A 171 7.09 -2.07 -11.33
N ILE A 172 7.20 -1.47 -10.15
CA ILE A 172 6.01 -1.05 -9.43
C ILE A 172 5.29 0.05 -10.19
N LYS A 173 6.06 1.04 -10.68
CA LYS A 173 5.46 2.13 -11.44
C LYS A 173 4.80 1.63 -12.72
N THR A 174 5.44 0.67 -13.39
CA THR A 174 4.87 0.10 -14.60
C THR A 174 3.54 -0.59 -14.32
N ARG A 175 3.49 -1.38 -13.24
CA ARG A 175 2.26 -2.07 -12.89
C ARG A 175 1.15 -1.09 -12.57
N LEU A 176 1.47 0.00 -11.87
CA LEU A 176 0.45 0.98 -11.52
C LEU A 176 -0.15 1.64 -12.75
N PHE A 177 0.69 1.90 -13.77
CA PHE A 177 0.17 2.51 -14.99
C PHE A 177 -0.61 1.49 -15.83
N THR A 178 -0.28 0.20 -15.71
CA THR A 178 -1.06 -0.81 -16.40
C THR A 178 -2.46 -0.93 -15.82
N ILE A 179 -2.57 -0.86 -14.48
CA ILE A 179 -3.89 -0.87 -13.84
C ILE A 179 -4.70 0.34 -14.27
N ARG A 180 -4.04 1.50 -14.38
CA ARG A 180 -4.72 2.72 -14.83
C ARG A 180 -5.27 2.55 -16.24
N GLN A 181 -4.46 2.00 -17.14
CA GLN A 181 -4.89 1.82 -18.53
C GLN A 181 -6.06 0.85 -18.62
N GLU A 182 -6.01 -0.24 -17.85
CA GLU A 182 -7.11 -1.20 -17.87
C GLU A 182 -8.38 -0.58 -17.31
N MET A 183 -8.25 0.29 -16.31
CA MET A 183 -9.42 1.00 -15.78
C MET A 183 -9.97 1.98 -16.81
N ALA A 184 -9.09 2.75 -17.45
CA ALA A 184 -9.54 3.72 -18.45
C ALA A 184 -10.17 3.03 -19.65
N SER A 185 -9.63 1.87 -20.04
CA SER A 185 -10.21 1.12 -21.15
C SER A 185 -11.62 0.61 -20.82
N ARG A 186 -11.97 0.53 -19.54
CA ARG A 186 -13.28 0.09 -19.11
C ARG A 186 -14.14 1.25 -18.60
N SER A 187 -13.74 2.49 -18.89
CA SER A 187 -14.48 3.70 -18.48
C SER A 187 -14.64 3.77 -16.96
N LEU A 188 -13.66 3.25 -16.24
CA LEU A 188 -13.71 3.16 -14.79
C LEU A 188 -12.69 4.04 -14.11
N TRP A 189 -11.77 4.64 -14.88
CA TRP A 189 -10.70 5.41 -14.29
C TRP A 189 -11.21 6.74 -13.75
N ASP A 190 -12.19 7.35 -14.42
CA ASP A 190 -12.65 8.68 -14.04
C ASP A 190 -13.26 8.67 -12.63
N SER A 191 -14.19 7.74 -12.37
CA SER A 191 -14.78 7.65 -11.04
C SER A 191 -13.76 7.20 -10.01
N PHE A 192 -12.79 6.38 -10.42
CA PHE A 192 -11.76 5.93 -9.49
C PHE A 192 -10.85 7.09 -9.08
N ARG A 193 -10.59 8.02 -10.00
CA ARG A 193 -9.72 9.15 -9.67
C ARG A 193 -10.43 10.15 -8.74
N GLN A 194 -11.75 10.29 -8.87
CA GLN A 194 -12.52 11.17 -8.00
C GLN A 194 -12.92 10.39 -6.75
N SER A 195 -11.96 10.25 -5.84
CA SER A 195 -12.16 9.62 -4.54
C SER A 195 -10.88 9.70 -3.71
CAA RLT B . -3.88 2.95 13.33
CAB RLT B . -4.55 4.34 3.49
CAC RLT B . -6.62 4.99 5.89
CAD RLT B . -7.18 2.55 5.94
OAE RLT B . -0.91 0.26 6.96
OAF RLT B . -4.28 4.97 8.14
OAG RLT B . -2.28 3.36 3.14
OAH RLT B . -0.84 1.74 4.68
NAO RLT B . -5.68 4.30 12.24
NAP RLT B . -6.06 4.69 10.93
NAQ RLT B . -3.97 2.29 6.56
NAR RLT B . -2.59 0.78 8.40
NAS RLT B . -6.09 3.65 7.82
OAT RLT B . -4.23 3.42 10.82
CAU RLT B . -1.99 0.88 7.22
CAV RLT B . -5.17 4.26 8.61
CAW RLT B . -4.62 3.56 12.19
CAZ RLT B . -2.08 2.15 5.07
CBA RLT B . -5.21 4.12 10.13
CBB RLT B . -2.70 1.82 6.24
CBC RLT B . -4.66 3.13 5.80
CBD RLT B . -2.76 3.01 4.21
NBE RLT B . -4.04 3.48 4.57
CBF RLT B . -6.14 3.61 6.33
C11 QQ4 C . 3.59 -16.62 -3.27
C10 QQ4 C . 3.93 -15.90 3.81
C01 QQ4 C . 4.07 -15.17 -3.33
C02 QQ4 C . 3.05 -14.26 -2.64
C03 QQ4 C . 3.73 -12.99 -2.12
C04 QQ4 C . 2.88 -12.38 -1.01
C05 QQ4 C . 3.28 -12.81 0.42
C06 QQ4 C . 2.09 -13.54 1.05
C07 QQ4 C . 2.41 -13.99 2.48
C08 QQ4 C . 1.73 -15.33 2.73
C09 QQ4 C . 2.42 -16.15 3.83
C22 QQ4 C . 5.54 -14.49 -5.36
C23 QQ4 C . 3.18 -14.62 -5.72
C24 QQ4 C . 3.84 -14.21 -7.04
C25 QQ4 C . 5.29 -14.60 -6.85
C26 QQ4 C . 5.16 -11.40 -3.54
C27 QQ4 C . 4.98 -10.84 -4.96
C28 QQ4 C . 3.48 -10.55 -5.06
C29 QQ4 C . 2.86 -11.54 -4.09
C30 QQ4 C . 4.70 -15.04 0.28
C31 QQ4 C . 6.16 -15.35 0.46
C32 QQ4 C . 6.69 -14.18 1.24
C33 QQ4 C . 5.84 -13.01 0.77
C34 QQ4 C . 0.52 -12.47 3.50
C35 QQ4 C . 0.63 -11.19 4.34
C36 QQ4 C . 1.81 -11.40 5.24
C37 QQ4 C . 2.70 -12.36 4.48
C38 QQ4 C . 2.64 -15.29 6.26
C39 QQ4 C . 0.47 -15.90 5.51
C40 QQ4 C . 0.34 -15.44 6.96
C41 QQ4 C . 1.75 -15.53 7.49
N03 QQ4 C . 4.25 -14.78 -4.73
N04 QQ4 C . 3.90 -12.04 -3.20
N05 QQ4 C . 4.52 -13.59 0.47
N06 QQ4 C . 1.91 -13.00 3.43
N07 QQ4 C . 1.87 -15.80 5.12
O02 QQ4 C . 2.03 -14.79 -5.54
O03 QQ4 C . 1.73 -11.86 -4.07
O04 QQ4 C . 3.85 -15.84 0.03
O06 QQ4 C . 3.84 -12.55 4.71
O07 QQ4 C . -0.42 -16.27 4.83
MN MN D . 0.30 2.36 3.49
MN MN E . -0.18 -1.28 6.11
S SO4 F . 19.03 -4.80 -1.21
O1 SO4 F . 18.49 -5.11 0.11
O2 SO4 F . 18.97 -6.00 -2.05
O3 SO4 F . 18.25 -3.73 -1.83
O4 SO4 F . 20.43 -4.37 -1.08
#